data_5U6A
#
_entry.id   5U6A
#
_cell.length_a   53.250
_cell.length_b   105.170
_cell.length_c   117.070
_cell.angle_alpha   90.00
_cell.angle_beta   90.00
_cell.angle_gamma   90.00
#
_symmetry.space_group_name_H-M   'P 21 21 21'
#
loop_
_entity.id
_entity.type
_entity.pdbx_description
1 polymer 'Light Chain'
2 polymer 'Heavy Chain'
3 polymer 'Protein L'
4 polymer 'Immunoglobulin G binding protein A'
5 polymer 'meditope peptide'
6 non-polymer MESO-ERYTHRITOL
7 water water
#
loop_
_entity_poly.entity_id
_entity_poly.type
_entity_poly.pdbx_seq_one_letter_code
_entity_poly.pdbx_strand_id
1 'polypeptide(L)'
;DIQMTQSPILLSASVGDRVTITCRASQDVNTAVAWYQQRTNGSPRLLIYSASFLYSGVPSRFSGSRSGTDFTLTISSLQP
EDEADYYCQQHYTTPPTFGAGTKVEIKRTVAAPSVFIFPPSDEQLKSGTASVVCLLNNFYPREAKVQWKVDNALQSGNSQ
ESVTEQDSKDSTYSLSSTLTLSKADYEKHKVYACEVTHQGLSSPVTKSFNRGEC
;
A
2 'polypeptide(L)'
;EVQLVESGGGLVQPGGSLRLSCAASGFNIKDTYIHWVRQSPGKGLEWVARIYPTNGYTRYADSVKGRFTISADTSKNTAY
LQMNSLRAEDTAIYYCSRWGGDGFYAMDYWGQGTLVTVSSASTKGPSVFPLAPSSKSTSGGTAALGCLVKDYFPEPVTVS
WNSGALTSGVHTFPAVLQSSGLYSLSSVVTVPSSSLGTQTYICNVNHKPSNTKVDKKVEPKSC
;
B
3 'polypeptide(L)' SEVTIKVNLIFADGKIQTAEFKGTFEEATAEAYRYAALLAKVNGEYTADLEDGGNHMNIKFAG E
4 'polypeptide(L)' GSYNKDQQSAFYEILNMPNLNEAQRNGFIQSLKDDPSQSTNVLGEAKKLNESQA C
5 'polypeptide(L)' (ACE)CQFD(2GX)ST(562)RLRCG D
#
# COMPACT_ATOMS: atom_id res chain seq x y z
N ASP A 1 14.67 -15.02 16.81
CA ASP A 1 14.63 -14.06 15.70
C ASP A 1 15.07 -12.68 16.19
N ILE A 2 15.38 -11.80 15.24
CA ILE A 2 15.75 -10.42 15.54
C ILE A 2 14.65 -9.48 15.09
N GLN A 3 14.27 -8.54 15.94
CA GLN A 3 13.27 -7.58 15.51
C GLN A 3 13.90 -6.21 15.34
N MET A 4 13.30 -5.43 14.44
CA MET A 4 13.78 -4.10 14.15
C MET A 4 12.70 -3.12 14.50
N THR A 5 13.01 -2.18 15.39
CA THR A 5 12.00 -1.25 15.90
C THR A 5 12.24 0.13 15.31
N GLN A 6 11.33 0.61 14.46
CA GLN A 6 11.49 1.93 13.82
C GLN A 6 10.73 3.01 14.55
N SER A 7 11.37 4.17 14.67
N SER A 7 11.39 4.16 14.68
CA SER A 7 10.72 5.34 15.24
CA SER A 7 10.80 5.35 15.26
C SER A 7 11.26 6.58 14.53
C SER A 7 11.27 6.58 14.47
N PRO A 8 10.43 7.61 14.40
CA PRO A 8 9.01 7.61 14.80
C PRO A 8 8.22 6.87 13.72
N ILE A 9 6.92 6.68 13.92
N ILE A 9 6.93 6.65 13.90
CA ILE A 9 6.08 6.00 12.93
CA ILE A 9 6.15 6.00 12.85
C ILE A 9 5.65 6.99 11.83
C ILE A 9 5.78 7.01 11.77
N LEU A 10 5.71 8.28 12.15
CA LEU A 10 5.29 9.33 11.23
C LEU A 10 6.13 10.57 11.49
N LEU A 11 6.64 11.19 10.42
CA LEU A 11 7.44 12.40 10.54
C LEU A 11 6.99 13.36 9.46
N SER A 12 6.69 14.61 9.83
CA SER A 12 6.26 15.61 8.86
C SER A 12 7.22 16.79 8.90
N ALA A 13 7.73 17.18 7.73
CA ALA A 13 8.73 18.24 7.71
C ALA A 13 8.63 19.06 6.41
N SER A 14 9.20 20.26 6.43
CA SER A 14 9.15 21.12 5.25
C SER A 14 10.25 20.80 4.23
N VAL A 15 10.03 21.19 2.98
CA VAL A 15 11.02 21.01 1.95
C VAL A 15 12.30 21.73 2.36
N GLY A 16 13.43 21.07 2.20
CA GLY A 16 14.71 21.63 2.60
C GLY A 16 15.18 21.27 4.00
N ASP A 17 14.27 20.73 4.82
CA ASP A 17 14.62 20.32 6.18
C ASP A 17 15.51 19.10 6.21
N ARG A 18 16.29 18.97 7.28
CA ARG A 18 17.00 17.72 7.54
C ARG A 18 16.13 16.82 8.40
N VAL A 19 15.86 15.59 7.95
CA VAL A 19 15.06 14.68 8.75
C VAL A 19 15.82 13.41 9.11
N THR A 20 15.50 12.87 10.27
CA THR A 20 16.19 11.71 10.82
C THR A 20 15.19 10.66 11.23
N ILE A 21 15.39 9.43 10.76
CA ILE A 21 14.54 8.34 11.20
C ILE A 21 15.44 7.23 11.74
N THR A 22 14.92 6.43 12.66
CA THR A 22 15.79 5.52 13.39
C THR A 22 15.27 4.08 13.38
N CYS A 23 16.17 3.16 13.70
N CYS A 23 16.21 3.15 13.54
CA CYS A 23 15.87 1.73 13.64
CA CYS A 23 15.87 1.75 13.72
C CYS A 23 16.78 0.98 14.62
C CYS A 23 16.76 1.18 14.81
N ARG A 24 16.18 0.28 15.59
CA ARG A 24 16.92 -0.39 16.66
C ARG A 24 16.78 -1.90 16.51
N ALA A 25 17.90 -2.60 16.42
CA ALA A 25 17.88 -4.06 16.39
C ALA A 25 17.82 -4.62 17.80
N SER A 26 17.12 -5.74 17.98
CA SER A 26 16.92 -6.29 19.32
C SER A 26 18.19 -6.98 19.85
N GLN A 27 19.12 -7.21 18.94
CA GLN A 27 20.44 -7.74 19.30
C GLN A 27 21.41 -7.39 18.19
N ASP A 28 22.69 -7.65 18.43
CA ASP A 28 23.75 -7.31 17.48
C ASP A 28 23.44 -7.80 16.07
N VAL A 29 23.51 -6.88 15.09
CA VAL A 29 23.39 -7.25 13.68
C VAL A 29 24.59 -6.74 12.89
N ASN A 30 25.67 -6.42 13.60
CA ASN A 30 26.86 -5.84 12.99
C ASN A 30 26.42 -4.64 12.16
N THR A 31 26.83 -4.56 10.89
CA THR A 31 26.36 -3.49 10.03
C THR A 31 25.35 -3.98 8.98
N ALA A 32 24.80 -5.16 9.18
CA ALA A 32 23.97 -5.79 8.14
C ALA A 32 22.55 -5.26 8.10
N VAL A 33 22.42 -3.96 7.83
CA VAL A 33 21.13 -3.30 7.83
C VAL A 33 20.97 -2.48 6.55
N ALA A 34 19.81 -2.59 5.91
CA ALA A 34 19.52 -1.85 4.70
C ALA A 34 18.32 -0.97 4.93
N TRP A 35 18.19 0.08 4.10
CA TRP A 35 17.05 0.98 4.16
C TRP A 35 16.39 0.99 2.80
N TYR A 36 15.07 0.85 2.79
CA TYR A 36 14.27 0.90 1.56
C TYR A 36 13.28 2.04 1.58
N GLN A 37 12.98 2.56 0.40
CA GLN A 37 11.94 3.56 0.24
C GLN A 37 10.75 2.93 -0.50
N GLN A 38 9.53 3.26 -0.10
CA GLN A 38 8.37 2.86 -0.88
C GLN A 38 7.50 4.07 -1.18
N ARG A 39 7.48 4.46 -2.45
CA ARG A 39 6.63 5.56 -2.88
C ARG A 39 5.25 5.03 -3.25
N THR A 40 4.29 5.94 -3.34
CA THR A 40 2.92 5.57 -3.67
C THR A 40 2.90 4.75 -4.96
N ASN A 41 2.17 3.65 -4.91
CA ASN A 41 1.99 2.68 -6.01
C ASN A 41 3.25 1.87 -6.34
N GLY A 42 4.28 1.98 -5.51
CA GLY A 42 5.57 1.40 -5.85
C GLY A 42 5.97 0.17 -5.07
N SER A 43 7.07 -0.45 -5.48
CA SER A 43 7.72 -1.52 -4.72
C SER A 43 8.86 -0.93 -3.89
N PRO A 44 9.30 -1.66 -2.85
CA PRO A 44 10.44 -1.14 -2.08
C PRO A 44 11.67 -0.92 -2.96
N ARG A 45 12.37 0.18 -2.71
CA ARG A 45 13.56 0.54 -3.47
C ARG A 45 14.73 0.74 -2.53
N LEU A 46 15.86 0.10 -2.86
CA LEU A 46 17.02 0.16 -1.99
C LEU A 46 17.67 1.55 -2.00
N LEU A 47 17.90 2.10 -0.81
CA LEU A 47 18.59 3.38 -0.65
C LEU A 47 19.99 3.21 -0.09
N ILE A 48 20.06 2.50 1.04
N ILE A 48 20.08 2.49 1.02
CA ILE A 48 21.29 2.31 1.81
CA ILE A 48 21.33 2.33 1.75
C ILE A 48 21.50 0.84 2.12
C ILE A 48 21.52 0.88 2.17
N TYR A 49 22.73 0.34 1.98
CA TYR A 49 23.02 -1.04 2.40
C TYR A 49 24.23 -1.05 3.32
N SER A 50 24.41 -2.15 4.05
CA SER A 50 25.48 -2.29 5.06
C SER A 50 25.61 -1.05 5.95
N ALA A 51 24.45 -0.57 6.42
CA ALA A 51 24.28 0.54 7.38
C ALA A 51 24.56 1.94 6.84
N SER A 52 25.60 2.10 6.02
CA SER A 52 26.01 3.45 5.68
C SER A 52 26.40 3.70 4.23
N PHE A 53 26.18 2.71 3.35
CA PHE A 53 26.64 2.86 1.97
C PHE A 53 25.50 3.14 1.02
N LEU A 54 25.69 4.16 0.19
CA LEU A 54 24.66 4.64 -0.72
C LEU A 54 24.58 3.76 -1.96
N TYR A 55 23.37 3.28 -2.27
CA TYR A 55 23.18 2.46 -3.44
C TYR A 55 23.28 3.32 -4.68
N SER A 56 23.75 2.73 -5.78
CA SER A 56 23.96 3.47 -7.01
C SER A 56 22.70 4.20 -7.46
N GLY A 57 22.84 5.47 -7.83
CA GLY A 57 21.73 6.26 -8.34
C GLY A 57 20.94 6.98 -7.26
N VAL A 58 21.20 6.66 -6.01
CA VAL A 58 20.48 7.29 -4.91
C VAL A 58 21.08 8.66 -4.59
N PRO A 59 20.23 9.70 -4.48
CA PRO A 59 20.69 11.06 -4.21
C PRO A 59 21.61 11.15 -2.98
N SER A 60 22.66 11.96 -3.06
CA SER A 60 23.61 12.04 -1.97
C SER A 60 23.02 12.67 -0.70
N ARG A 61 21.80 13.20 -0.77
CA ARG A 61 21.17 13.75 0.43
C ARG A 61 20.73 12.63 1.39
N PHE A 62 20.73 11.38 0.92
CA PHE A 62 20.47 10.25 1.81
C PHE A 62 21.76 9.78 2.45
N SER A 63 21.73 9.49 3.74
CA SER A 63 22.87 8.91 4.41
C SER A 63 22.41 8.03 5.57
N GLY A 64 23.27 7.10 5.98
CA GLY A 64 22.93 6.19 7.05
C GLY A 64 24.07 6.06 8.03
N SER A 65 23.75 5.78 9.28
N SER A 65 23.75 5.78 9.29
CA SER A 65 24.79 5.55 10.27
CA SER A 65 24.75 5.64 10.33
C SER A 65 24.40 4.43 11.22
C SER A 65 24.38 4.55 11.34
N ARG A 66 25.40 3.93 11.94
CA ARG A 66 25.19 2.90 12.96
C ARG A 66 25.91 3.28 14.26
N SER A 67 25.23 3.07 15.37
CA SER A 67 25.86 3.16 16.69
C SER A 67 25.36 1.96 17.50
N GLY A 68 26.20 0.94 17.61
CA GLY A 68 25.81 -0.28 18.30
C GLY A 68 24.65 -0.92 17.56
N THR A 69 23.51 -1.06 18.23
CA THR A 69 22.32 -1.63 17.60
C THR A 69 21.34 -0.57 17.11
N ASP A 70 21.74 0.70 17.20
CA ASP A 70 20.91 1.79 16.68
C ASP A 70 21.33 2.23 15.29
N PHE A 71 20.36 2.32 14.38
CA PHE A 71 20.64 2.69 13.01
C PHE A 71 19.85 3.92 12.64
N THR A 72 20.48 4.83 11.90
N THR A 72 20.45 4.80 11.86
CA THR A 72 19.79 6.05 11.48
CA THR A 72 19.84 6.08 11.58
C THR A 72 19.79 6.19 9.96
C THR A 72 19.96 6.50 10.12
N LEU A 73 18.69 6.73 9.43
N LEU A 73 18.82 6.63 9.45
CA LEU A 73 18.63 7.20 8.05
CA LEU A 73 18.79 7.22 8.11
C LEU A 73 18.39 8.70 8.08
C LEU A 73 18.54 8.71 8.24
N THR A 74 19.25 9.48 7.43
CA THR A 74 19.10 10.93 7.41
C THR A 74 18.89 11.41 5.98
N ILE A 75 17.91 12.29 5.79
CA ILE A 75 17.77 13.02 4.55
C ILE A 75 18.11 14.47 4.83
N SER A 76 19.18 14.98 4.21
CA SER A 76 19.78 16.25 4.60
C SER A 76 18.99 17.47 4.13
N SER A 77 18.24 17.28 3.05
CA SER A 77 17.47 18.36 2.45
C SER A 77 16.22 17.79 1.80
N LEU A 78 15.15 17.67 2.57
CA LEU A 78 13.94 16.97 2.16
C LEU A 78 13.32 17.54 0.89
N GLN A 79 13.05 16.65 -0.08
CA GLN A 79 12.43 17.08 -1.33
C GLN A 79 11.02 16.52 -1.43
N PRO A 80 10.14 17.18 -2.19
CA PRO A 80 8.76 16.71 -2.29
C PRO A 80 8.68 15.23 -2.71
N GLU A 81 9.60 14.79 -3.56
CA GLU A 81 9.58 13.41 -4.03
C GLU A 81 10.10 12.42 -2.99
N ASP A 82 10.54 12.92 -1.84
CA ASP A 82 10.97 12.03 -0.75
C ASP A 82 9.79 11.61 0.09
N GLU A 83 8.65 12.19 -0.22
CA GLU A 83 7.42 11.81 0.42
C GLU A 83 7.18 10.33 0.14
N ALA A 84 7.25 9.50 1.18
CA ALA A 84 7.26 8.03 1.02
C ALA A 84 7.33 7.37 2.39
N ASP A 85 7.27 6.04 2.38
CA ASP A 85 7.53 5.24 3.58
C ASP A 85 8.96 4.72 3.54
N TYR A 86 9.59 4.60 4.72
CA TYR A 86 10.95 4.10 4.79
C TYR A 86 11.02 2.92 5.74
N TYR A 87 11.74 1.87 5.33
CA TYR A 87 11.83 0.62 6.07
C TYR A 87 13.29 0.22 6.24
N CYS A 88 13.64 -0.21 7.45
CA CYS A 88 14.93 -0.85 7.67
C CYS A 88 14.75 -2.38 7.67
N GLN A 89 15.86 -3.08 7.45
CA GLN A 89 15.85 -4.53 7.35
C GLN A 89 17.21 -5.05 7.79
N GLN A 90 17.24 -6.04 8.69
CA GLN A 90 18.51 -6.68 9.00
C GLN A 90 18.66 -7.99 8.22
N HIS A 91 19.89 -8.33 7.84
CA HIS A 91 20.14 -9.61 7.17
C HIS A 91 21.24 -10.38 7.89
N TYR A 92 21.45 -10.06 9.17
CA TYR A 92 22.50 -10.70 9.93
C TYR A 92 22.18 -12.16 10.24
N THR A 93 20.91 -12.42 10.54
CA THR A 93 20.46 -13.78 10.78
C THR A 93 19.21 -14.06 9.99
N THR A 94 18.99 -15.33 9.71
CA THR A 94 17.75 -15.79 9.10
C THR A 94 16.72 -16.08 10.21
N PRO A 95 15.49 -15.58 10.05
CA PRO A 95 14.96 -14.82 8.90
C PRO A 95 15.41 -13.37 8.86
N PRO A 96 15.65 -12.84 7.66
CA PRO A 96 15.82 -11.40 7.59
C PRO A 96 14.51 -10.77 8.02
N THR A 97 14.56 -9.65 8.73
CA THR A 97 13.36 -9.01 9.24
C THR A 97 13.38 -7.50 8.97
N PHE A 98 12.17 -6.96 8.85
CA PHE A 98 11.96 -5.56 8.49
C PHE A 98 11.37 -4.79 9.67
N GLY A 99 11.69 -3.50 9.74
CA GLY A 99 10.99 -2.62 10.66
C GLY A 99 9.57 -2.33 10.18
N ALA A 100 8.74 -1.76 11.06
CA ALA A 100 7.34 -1.45 10.74
C ALA A 100 7.17 -0.26 9.79
N GLY A 101 8.22 0.51 9.58
CA GLY A 101 8.18 1.60 8.60
C GLY A 101 8.01 2.95 9.27
N THR A 102 8.50 3.99 8.59
CA THR A 102 8.24 5.38 8.99
C THR A 102 7.61 6.09 7.81
N LYS A 103 6.45 6.73 8.02
CA LYS A 103 5.84 7.53 6.96
C LYS A 103 6.38 8.95 7.03
N VAL A 104 6.86 9.46 5.90
CA VAL A 104 7.40 10.82 5.87
C VAL A 104 6.51 11.68 4.99
N GLU A 105 6.00 12.76 5.58
CA GLU A 105 5.09 13.68 4.91
C GLU A 105 5.73 15.04 4.75
N ILE A 106 5.24 15.80 3.77
CA ILE A 106 5.75 17.13 3.48
C ILE A 106 4.82 18.18 4.08
N LYS A 107 5.37 19.11 4.85
CA LYS A 107 4.60 20.26 5.32
C LYS A 107 4.62 21.34 4.26
N ARG A 108 3.48 22.01 4.07
CA ARG A 108 3.37 23.11 3.13
C ARG A 108 2.32 24.08 3.62
N THR A 109 2.08 25.14 2.84
CA THR A 109 1.09 26.15 3.22
C THR A 109 -0.32 25.58 3.15
N VAL A 110 -1.21 26.14 3.98
CA VAL A 110 -2.63 25.78 3.96
C VAL A 110 -3.25 26.14 2.61
N ALA A 111 -4.06 25.21 2.09
CA ALA A 111 -4.81 25.43 0.85
C ALA A 111 -6.22 24.88 1.01
N ALA A 112 -7.23 25.72 0.78
CA ALA A 112 -8.63 25.29 0.88
C ALA A 112 -8.99 24.41 -0.31
N PRO A 113 -9.90 23.44 -0.10
CA PRO A 113 -10.30 22.58 -1.22
C PRO A 113 -11.24 23.24 -2.20
N SER A 114 -11.15 22.83 -3.45
CA SER A 114 -12.22 23.05 -4.41
CA SER A 114 -12.24 23.08 -4.38
C SER A 114 -13.27 21.98 -4.15
N VAL A 115 -14.52 22.38 -3.91
CA VAL A 115 -15.56 21.43 -3.54
C VAL A 115 -16.61 21.26 -4.64
N PHE A 116 -16.82 20.01 -5.05
CA PHE A 116 -17.74 19.70 -6.14
C PHE A 116 -18.66 18.56 -5.78
N ILE A 117 -19.80 18.50 -6.44
CA ILE A 117 -20.72 17.41 -6.17
C ILE A 117 -21.28 16.79 -7.46
N PHE A 118 -21.48 15.49 -7.43
CA PHE A 118 -21.96 14.72 -8.58
C PHE A 118 -23.19 13.89 -8.21
N PRO A 119 -24.34 14.18 -8.83
CA PRO A 119 -25.50 13.31 -8.67
C PRO A 119 -25.21 11.90 -9.16
N PRO A 120 -26.03 10.93 -8.78
CA PRO A 120 -25.93 9.61 -9.40
C PRO A 120 -26.11 9.73 -10.91
N SER A 121 -25.39 8.93 -11.69
CA SER A 121 -25.60 8.93 -13.13
C SER A 121 -26.94 8.34 -13.48
N ASP A 122 -27.52 8.78 -14.60
CA ASP A 122 -28.76 8.17 -15.07
C ASP A 122 -28.55 6.68 -15.34
N GLU A 123 -27.38 6.33 -15.85
N GLU A 123 -27.38 6.30 -15.84
CA GLU A 123 -27.00 4.94 -16.09
CA GLU A 123 -27.11 4.89 -16.08
C GLU A 123 -27.12 4.09 -14.83
C GLU A 123 -27.19 4.08 -14.78
N GLN A 124 -26.57 4.59 -13.73
CA GLN A 124 -26.65 3.89 -12.45
C GLN A 124 -28.09 3.80 -11.97
N LEU A 125 -28.85 4.87 -12.16
CA LEU A 125 -30.24 4.92 -11.72
C LEU A 125 -31.15 3.96 -12.48
N LYS A 126 -30.65 3.29 -13.52
CA LYS A 126 -31.43 2.25 -14.17
C LYS A 126 -31.61 1.01 -13.29
N SER A 127 -30.76 0.82 -12.27
CA SER A 127 -30.58 -0.47 -11.63
C SER A 127 -30.56 -0.39 -10.10
N GLY A 128 -31.32 0.52 -9.50
CA GLY A 128 -31.74 0.35 -8.12
C GLY A 128 -30.80 0.86 -7.03
N THR A 129 -29.61 1.33 -7.37
CA THR A 129 -28.74 1.97 -6.39
C THR A 129 -28.34 3.36 -6.86
N ALA A 130 -28.12 4.27 -5.91
CA ALA A 130 -27.68 5.64 -6.21
C ALA A 130 -26.44 6.02 -5.42
N SER A 131 -25.39 6.42 -6.11
CA SER A 131 -24.18 6.89 -5.44
C SER A 131 -24.03 8.38 -5.68
N VAL A 132 -23.95 9.16 -4.61
CA VAL A 132 -23.74 10.61 -4.73
C VAL A 132 -22.32 10.92 -4.30
N VAL A 133 -21.57 11.65 -5.11
CA VAL A 133 -20.15 11.85 -4.82
C VAL A 133 -19.83 13.32 -4.53
N CYS A 134 -19.17 13.55 -3.39
CA CYS A 134 -18.66 14.87 -3.05
C CYS A 134 -17.14 14.82 -3.20
N LEU A 135 -16.60 15.81 -3.89
CA LEU A 135 -15.17 15.81 -4.20
C LEU A 135 -14.50 17.04 -3.61
N LEU A 136 -13.43 16.82 -2.85
CA LEU A 136 -12.61 17.89 -2.29
C LEU A 136 -11.24 17.83 -2.96
N ASN A 137 -10.92 18.83 -3.78
CA ASN A 137 -9.70 18.73 -4.57
C ASN A 137 -8.60 19.65 -4.09
N ASN A 138 -7.40 19.06 -3.95
CA ASN A 138 -6.14 19.78 -3.82
C ASN A 138 -6.05 20.72 -2.62
N PHE A 139 -6.17 20.14 -1.43
CA PHE A 139 -6.17 20.90 -0.19
C PHE A 139 -5.05 20.46 0.77
N TYR A 140 -4.78 21.29 1.77
CA TYR A 140 -3.78 20.99 2.77
C TYR A 140 -4.10 21.83 4.00
N PRO A 141 -4.03 21.24 5.20
CA PRO A 141 -3.62 19.88 5.56
C PRO A 141 -4.70 18.83 5.28
N ARG A 142 -4.43 17.57 5.65
CA ARG A 142 -5.30 16.46 5.33
C ARG A 142 -6.64 16.52 6.05
N GLU A 143 -6.62 17.05 7.27
CA GLU A 143 -7.82 17.03 8.11
C GLU A 143 -8.95 17.81 7.44
N ALA A 144 -10.11 17.19 7.38
CA ALA A 144 -11.31 17.80 6.81
C ALA A 144 -12.53 17.06 7.32
N LYS A 145 -13.63 17.77 7.48
CA LYS A 145 -14.87 17.12 7.88
C LYS A 145 -15.87 17.29 6.76
N VAL A 146 -16.44 16.17 6.32
CA VAL A 146 -17.44 16.17 5.27
C VAL A 146 -18.72 15.57 5.81
N GLN A 147 -19.79 16.35 5.78
CA GLN A 147 -21.06 15.85 6.27
C GLN A 147 -22.12 15.90 5.18
N TRP A 148 -22.94 14.87 5.14
CA TRP A 148 -24.01 14.78 4.15
C TRP A 148 -25.35 15.16 4.73
N LYS A 149 -26.15 15.87 3.96
CA LYS A 149 -27.52 16.16 4.33
C LYS A 149 -28.43 15.84 3.17
N VAL A 150 -29.55 15.19 3.48
CA VAL A 150 -30.57 14.88 2.50
C VAL A 150 -31.85 15.53 2.99
N ASP A 151 -32.40 16.45 2.20
CA ASP A 151 -33.54 17.25 2.63
C ASP A 151 -33.30 17.83 4.02
N ASN A 152 -32.07 18.28 4.24
CA ASN A 152 -31.60 18.95 5.45
C ASN A 152 -31.45 18.01 6.66
N ALA A 153 -31.63 16.71 6.43
CA ALA A 153 -31.43 15.73 7.50
C ALA A 153 -30.01 15.19 7.48
N LEU A 154 -29.30 15.36 8.59
CA LEU A 154 -27.93 14.88 8.69
C LEU A 154 -27.87 13.37 8.50
N GLN A 155 -27.04 12.91 7.56
CA GLN A 155 -26.87 11.50 7.28
C GLN A 155 -25.78 10.89 8.15
N SER A 156 -25.97 9.63 8.54
CA SER A 156 -24.98 8.91 9.32
C SER A 156 -24.93 7.44 8.90
N GLY A 157 -23.71 6.91 8.74
CA GLY A 157 -23.51 5.49 8.49
C GLY A 157 -23.65 5.01 7.06
N ASN A 158 -23.98 5.92 6.14
CA ASN A 158 -24.22 5.55 4.75
C ASN A 158 -23.30 6.27 3.76
N SER A 159 -22.13 6.70 4.22
CA SER A 159 -21.13 7.29 3.34
C SER A 159 -19.76 6.72 3.68
N GLN A 160 -18.87 6.75 2.70
CA GLN A 160 -17.49 6.35 2.91
C GLN A 160 -16.55 7.33 2.25
N GLU A 161 -15.40 7.57 2.87
CA GLU A 161 -14.40 8.50 2.34
C GLU A 161 -13.16 7.77 1.85
N SER A 162 -12.52 8.36 0.86
CA SER A 162 -11.23 7.89 0.40
C SER A 162 -10.35 9.12 0.16
N VAL A 163 -9.09 9.05 0.58
N VAL A 163 -9.09 9.06 0.56
CA VAL A 163 -8.16 10.18 0.43
CA VAL A 163 -8.21 10.22 0.37
C VAL A 163 -6.89 9.76 -0.30
C VAL A 163 -6.90 9.79 -0.28
N THR A 164 -6.46 10.56 -1.27
CA THR A 164 -5.22 10.27 -1.97
C THR A 164 -4.02 10.53 -1.07
N GLU A 165 -2.89 9.91 -1.39
CA GLU A 165 -1.63 10.27 -0.75
C GLU A 165 -1.16 11.62 -1.31
N GLN A 166 -0.15 12.23 -0.69
CA GLN A 166 0.28 13.55 -1.11
C GLN A 166 0.67 13.65 -2.58
N ASP A 167 0.19 14.69 -3.24
CA ASP A 167 0.47 14.88 -4.65
C ASP A 167 1.96 15.11 -4.90
N SER A 168 2.44 14.64 -6.04
N SER A 168 2.43 14.64 -6.05
CA SER A 168 3.85 14.81 -6.38
CA SER A 168 3.82 14.78 -6.42
C SER A 168 4.17 16.26 -6.74
C SER A 168 4.16 16.24 -6.75
N LYS A 169 3.27 16.90 -7.46
CA LYS A 169 3.50 18.27 -7.89
C LYS A 169 3.39 19.26 -6.74
N ASP A 170 2.30 19.22 -5.99
CA ASP A 170 2.04 20.30 -5.05
C ASP A 170 1.85 19.89 -3.59
N SER A 171 2.09 18.62 -3.26
CA SER A 171 1.99 18.12 -1.88
C SER A 171 0.61 18.27 -1.26
N THR A 172 -0.43 18.34 -2.09
CA THR A 172 -1.78 18.44 -1.56
C THR A 172 -2.46 17.08 -1.47
N TYR A 173 -3.66 17.09 -0.88
CA TYR A 173 -4.52 15.93 -0.80
C TYR A 173 -5.80 16.16 -1.58
N SER A 174 -6.46 15.08 -1.98
CA SER A 174 -7.83 15.18 -2.49
C SER A 174 -8.64 14.10 -1.79
N LEU A 175 -9.94 14.29 -1.72
CA LEU A 175 -10.78 13.37 -0.96
C LEU A 175 -12.10 13.22 -1.69
N SER A 176 -12.62 12.00 -1.70
CA SER A 176 -13.98 11.77 -2.17
C SER A 176 -14.81 11.26 -1.02
N SER A 177 -16.06 11.70 -0.96
CA SER A 177 -17.01 11.12 -0.03
C SER A 177 -18.18 10.63 -0.87
N THR A 178 -18.56 9.39 -0.68
CA THR A 178 -19.60 8.78 -1.48
C THR A 178 -20.76 8.38 -0.60
N LEU A 179 -21.92 8.97 -0.87
CA LEU A 179 -23.18 8.67 -0.20
C LEU A 179 -23.92 7.59 -0.99
N THR A 180 -24.25 6.47 -0.36
CA THR A 180 -24.92 5.39 -1.08
C THR A 180 -26.33 5.18 -0.57
N LEU A 181 -27.31 5.29 -1.48
CA LEU A 181 -28.72 5.10 -1.16
C LEU A 181 -29.34 4.12 -2.13
N SER A 182 -30.48 3.53 -1.76
CA SER A 182 -31.28 2.82 -2.74
C SER A 182 -31.85 3.85 -3.71
N LYS A 183 -32.13 3.45 -4.94
CA LYS A 183 -32.78 4.35 -5.89
C LYS A 183 -34.12 4.85 -5.34
N ALA A 184 -34.87 3.97 -4.69
CA ALA A 184 -36.17 4.36 -4.13
C ALA A 184 -36.02 5.50 -3.13
N ASP A 185 -35.05 5.38 -2.23
CA ASP A 185 -34.76 6.44 -1.28
C ASP A 185 -34.30 7.70 -2.01
N TYR A 186 -33.44 7.54 -3.01
CA TYR A 186 -32.93 8.71 -3.75
C TYR A 186 -34.04 9.49 -4.43
N GLU A 187 -35.00 8.76 -4.99
CA GLU A 187 -36.08 9.38 -5.74
C GLU A 187 -37.17 9.97 -4.83
N LYS A 188 -37.07 9.66 -3.54
CA LYS A 188 -38.05 10.12 -2.56
C LYS A 188 -37.67 11.48 -1.98
N HIS A 189 -36.41 11.86 -2.14
CA HIS A 189 -35.92 13.12 -1.57
C HIS A 189 -35.44 14.09 -2.63
N LYS A 190 -35.25 15.36 -2.25
CA LYS A 190 -34.98 16.41 -3.23
C LYS A 190 -33.58 17.02 -3.12
N VAL A 191 -33.22 17.47 -1.92
CA VAL A 191 -32.00 18.25 -1.77
C VAL A 191 -30.85 17.39 -1.25
N TYR A 192 -29.74 17.38 -1.98
CA TYR A 192 -28.58 16.59 -1.61
C TYR A 192 -27.42 17.53 -1.41
N ALA A 193 -26.84 17.49 -0.22
CA ALA A 193 -25.86 18.50 0.15
C ALA A 193 -24.68 17.90 0.88
N CYS A 194 -23.47 18.30 0.49
N CYS A 194 -23.52 18.41 0.50
CA CYS A 194 -22.28 17.91 1.25
CA CYS A 194 -22.25 18.06 1.10
C CYS A 194 -21.61 19.15 1.80
C CYS A 194 -21.74 19.29 1.83
N GLU A 195 -21.46 19.18 3.12
CA GLU A 195 -20.87 20.32 3.83
C GLU A 195 -19.44 20.00 4.23
N VAL A 196 -18.54 20.91 3.86
CA VAL A 196 -17.10 20.71 4.06
C VAL A 196 -16.55 21.72 5.05
N THR A 197 -15.88 21.20 6.09
CA THR A 197 -15.17 22.04 7.04
C THR A 197 -13.67 21.81 6.85
N HIS A 198 -12.91 22.87 6.67
CA HIS A 198 -11.48 22.76 6.48
C HIS A 198 -10.77 24.03 6.94
N GLN A 199 -9.56 23.88 7.49
CA GLN A 199 -8.82 25.01 8.04
C GLN A 199 -8.64 26.19 7.06
N GLY A 200 -8.56 25.90 5.77
CA GLY A 200 -8.34 26.93 4.79
C GLY A 200 -9.58 27.73 4.42
N LEU A 201 -10.75 27.25 4.86
CA LEU A 201 -12.01 27.93 4.58
C LEU A 201 -12.39 28.83 5.74
N SER A 202 -12.89 30.03 5.48
CA SER A 202 -13.23 30.92 6.59
C SER A 202 -14.50 30.45 7.32
N SER A 203 -15.35 29.67 6.65
CA SER A 203 -16.47 28.99 7.28
C SER A 203 -16.87 27.81 6.39
N PRO A 204 -17.63 26.84 6.92
CA PRO A 204 -17.91 25.64 6.12
C PRO A 204 -18.60 25.97 4.79
N VAL A 205 -18.25 25.18 3.79
CA VAL A 205 -18.79 25.32 2.46
C VAL A 205 -19.79 24.21 2.19
N THR A 206 -21.00 24.57 1.74
CA THR A 206 -21.98 23.59 1.34
C THR A 206 -22.14 23.58 -0.18
N LYS A 207 -21.99 22.39 -0.76
CA LYS A 207 -22.25 22.17 -2.18
C LYS A 207 -23.47 21.26 -2.31
N SER A 208 -24.47 21.72 -3.06
N SER A 208 -24.46 21.70 -3.09
CA SER A 208 -25.77 21.06 -3.10
CA SER A 208 -25.77 21.07 -3.10
C SER A 208 -26.29 20.92 -4.53
C SER A 208 -26.35 20.99 -4.50
N PHE A 209 -27.26 20.03 -4.70
CA PHE A 209 -28.09 20.01 -5.91
C PHE A 209 -29.48 19.52 -5.54
N ASN A 210 -30.47 19.97 -6.31
CA ASN A 210 -31.81 19.37 -6.26
C ASN A 210 -31.89 18.23 -7.27
N ARG A 211 -32.36 17.07 -6.83
CA ARG A 211 -32.57 15.96 -7.76
C ARG A 211 -33.44 16.40 -8.93
N GLY A 212 -32.99 16.13 -10.16
CA GLY A 212 -33.74 16.47 -11.34
C GLY A 212 -33.35 17.77 -12.00
N GLU A 213 -32.61 18.64 -11.31
CA GLU A 213 -32.19 19.88 -11.92
C GLU A 213 -31.13 19.62 -12.99
N CYS A 214 -31.02 20.55 -13.93
CA CYS A 214 -29.88 20.54 -14.83
C CYS A 214 -28.65 21.10 -14.11
N GLU B 1 19.86 -4.04 -18.32
CA GLU B 1 18.89 -3.63 -17.31
C GLU B 1 18.37 -4.82 -16.52
N VAL B 2 18.61 -4.82 -15.22
CA VAL B 2 18.11 -5.89 -14.36
C VAL B 2 16.61 -5.74 -14.16
N GLN B 3 15.86 -6.83 -14.33
CA GLN B 3 14.43 -6.80 -14.07
C GLN B 3 13.95 -8.12 -13.49
N LEU B 4 13.04 -8.04 -12.52
CA LEU B 4 12.32 -9.21 -12.03
C LEU B 4 10.84 -8.99 -12.22
N VAL B 5 10.15 -10.00 -12.76
CA VAL B 5 8.72 -9.89 -13.03
C VAL B 5 7.96 -11.06 -12.40
N GLU B 6 7.12 -10.74 -11.42
CA GLU B 6 6.23 -11.74 -10.79
C GLU B 6 4.95 -11.94 -11.59
N SER B 7 4.45 -13.17 -11.61
CA SER B 7 3.17 -13.45 -12.22
C SER B 7 2.53 -14.60 -11.47
N GLY B 8 1.22 -14.79 -11.66
CA GLY B 8 0.53 -15.91 -11.07
C GLY B 8 -0.37 -15.61 -9.87
N GLY B 9 -0.32 -14.39 -9.36
CA GLY B 9 -1.15 -14.04 -8.22
C GLY B 9 -2.61 -13.93 -8.61
N GLY B 10 -3.49 -14.10 -7.62
CA GLY B 10 -4.92 -14.00 -7.86
C GLY B 10 -5.71 -14.48 -6.68
N LEU B 11 -7.02 -14.59 -6.89
CA LEU B 11 -7.95 -15.07 -5.89
C LEU B 11 -7.84 -16.58 -5.73
N VAL B 12 -7.79 -17.05 -4.49
CA VAL B 12 -7.76 -18.48 -4.21
C VAL B 12 -8.54 -18.75 -2.92
N GLN B 13 -9.21 -19.91 -2.83
CA GLN B 13 -9.97 -20.25 -1.63
C GLN B 13 -9.04 -20.65 -0.49
N PRO B 14 -9.46 -20.41 0.77
CA PRO B 14 -8.70 -20.97 1.90
C PRO B 14 -8.52 -22.47 1.72
N GLY B 15 -7.32 -22.99 1.99
CA GLY B 15 -7.06 -24.41 1.76
C GLY B 15 -6.55 -24.69 0.36
N GLY B 16 -6.69 -23.70 -0.52
CA GLY B 16 -6.33 -23.85 -1.92
C GLY B 16 -4.85 -23.73 -2.25
N SER B 17 -4.53 -23.88 -3.53
CA SER B 17 -3.15 -23.83 -4.02
C SER B 17 -2.98 -22.80 -5.14
N LEU B 18 -1.80 -22.19 -5.18
CA LEU B 18 -1.43 -21.25 -6.23
C LEU B 18 0.07 -21.39 -6.48
N ARG B 19 0.51 -21.07 -7.70
CA ARG B 19 1.95 -21.09 -7.99
C ARG B 19 2.35 -19.76 -8.58
N LEU B 20 3.33 -19.10 -7.96
CA LEU B 20 3.83 -17.87 -8.53
C LEU B 20 5.12 -18.11 -9.32
N SER B 21 5.37 -17.22 -10.28
N SER B 21 5.39 -17.24 -10.28
CA SER B 21 6.59 -17.26 -11.07
CA SER B 21 6.64 -17.30 -11.02
C SER B 21 7.34 -15.93 -10.90
C SER B 21 7.34 -15.95 -11.00
N CYS B 22 8.66 -15.99 -11.03
CA CYS B 22 9.50 -14.79 -10.99
C CYS B 22 10.50 -14.87 -12.13
N ALA B 23 10.23 -14.14 -13.20
CA ALA B 23 11.07 -14.19 -14.39
C ALA B 23 12.13 -13.09 -14.30
N ALA B 24 13.38 -13.52 -14.36
CA ALA B 24 14.50 -12.60 -14.27
C ALA B 24 15.09 -12.32 -15.64
N SER B 25 15.58 -11.10 -15.81
CA SER B 25 16.29 -10.76 -17.03
C SER B 25 17.35 -9.72 -16.71
N GLY B 26 18.38 -9.63 -17.54
CA GLY B 26 19.42 -8.65 -17.35
C GLY B 26 20.51 -9.12 -16.41
N PHE B 27 20.34 -10.34 -15.89
CA PHE B 27 21.33 -11.00 -15.04
C PHE B 27 20.99 -12.49 -14.95
N ASN B 28 21.91 -13.28 -14.42
N ASN B 28 21.91 -13.26 -14.40
CA ASN B 28 21.67 -14.71 -14.26
CA ASN B 28 21.74 -14.70 -14.23
C ASN B 28 21.40 -15.06 -12.81
C ASN B 28 21.39 -15.01 -12.78
N ILE B 29 20.29 -15.73 -12.55
CA ILE B 29 19.90 -16.05 -11.18
C ILE B 29 20.86 -17.04 -10.52
N LYS B 30 21.72 -17.70 -11.32
CA LYS B 30 22.78 -18.55 -10.77
C LYS B 30 23.84 -17.76 -10.01
N ASP B 31 23.90 -16.45 -10.24
CA ASP B 31 24.91 -15.62 -9.61
C ASP B 31 24.45 -14.98 -8.31
N THR B 32 23.18 -15.18 -7.97
CA THR B 32 22.62 -14.49 -6.80
C THR B 32 21.75 -15.40 -5.94
N TYR B 33 21.32 -14.87 -4.80
CA TYR B 33 20.18 -15.41 -4.11
C TYR B 33 18.91 -14.80 -4.69
N ILE B 34 17.83 -15.58 -4.70
CA ILE B 34 16.52 -15.08 -5.05
C ILE B 34 15.61 -15.24 -3.86
N HIS B 35 14.90 -14.16 -3.51
CA HIS B 35 14.01 -14.15 -2.35
C HIS B 35 12.57 -13.92 -2.76
N TRP B 36 11.65 -14.48 -1.97
CA TRP B 36 10.26 -14.04 -1.99
C TRP B 36 10.00 -13.28 -0.69
N VAL B 37 9.43 -12.09 -0.80
CA VAL B 37 9.08 -11.25 0.35
C VAL B 37 7.64 -10.82 0.15
N ARG B 38 6.83 -10.81 1.21
CA ARG B 38 5.43 -10.42 1.01
C ARG B 38 5.10 -9.20 1.85
N GLN B 39 4.02 -8.50 1.51
CA GLN B 39 3.66 -7.28 2.22
C GLN B 39 2.17 -7.24 2.42
N SER B 40 1.73 -7.07 3.66
CA SER B 40 0.32 -7.15 4.01
C SER B 40 -0.03 -6.10 5.05
N PRO B 41 -1.32 -5.75 5.16
CA PRO B 41 -1.74 -4.87 6.25
C PRO B 41 -1.44 -5.46 7.62
N GLY B 42 -1.59 -6.77 7.75
CA GLY B 42 -1.45 -7.41 9.04
C GLY B 42 -0.03 -7.50 9.57
N LYS B 43 0.93 -7.77 8.69
CA LYS B 43 2.30 -8.01 9.13
C LYS B 43 3.35 -7.13 8.45
N GLY B 44 2.92 -6.27 7.53
CA GLY B 44 3.85 -5.38 6.84
C GLY B 44 4.77 -6.19 5.94
N LEU B 45 6.06 -5.83 5.88
CA LEU B 45 7.02 -6.57 5.07
C LEU B 45 7.53 -7.80 5.81
N GLU B 46 7.33 -8.95 5.19
CA GLU B 46 7.62 -10.24 5.78
C GLU B 46 8.38 -11.14 4.80
N TRP B 47 9.61 -11.50 5.12
CA TRP B 47 10.35 -12.44 4.29
C TRP B 47 9.67 -13.83 4.26
N VAL B 48 9.64 -14.44 3.08
CA VAL B 48 8.94 -15.71 2.93
C VAL B 48 9.90 -16.87 2.71
N ALA B 49 10.81 -16.71 1.76
CA ALA B 49 11.71 -17.81 1.39
C ALA B 49 12.86 -17.33 0.53
N ARG B 50 13.91 -18.13 0.45
CA ARG B 50 15.02 -17.80 -0.44
C ARG B 50 15.63 -19.06 -1.05
N ILE B 51 16.31 -18.86 -2.17
CA ILE B 51 16.98 -19.96 -2.81
C ILE B 51 18.29 -19.46 -3.40
N TYR B 52 19.30 -20.33 -3.38
CA TYR B 52 20.55 -20.08 -4.08
C TYR B 52 20.60 -21.03 -5.27
N PRO B 53 20.20 -20.54 -6.46
CA PRO B 53 19.99 -21.45 -7.58
C PRO B 53 21.21 -22.26 -8.01
N THR B 54 22.41 -21.76 -7.74
N THR B 54 22.43 -21.81 -7.72
CA THR B 54 23.64 -22.47 -8.07
CA THR B 54 23.58 -22.59 -8.20
C THR B 54 23.66 -23.86 -7.45
C THR B 54 23.87 -23.83 -7.36
N ASN B 55 23.28 -23.94 -6.17
CA ASN B 55 23.40 -25.18 -5.41
C ASN B 55 22.09 -25.67 -4.80
N GLY B 56 21.00 -24.94 -5.03
CA GLY B 56 19.68 -25.39 -4.63
C GLY B 56 19.34 -25.22 -3.16
N TYR B 57 20.25 -24.61 -2.40
CA TYR B 57 20.03 -24.41 -0.96
C TYR B 57 18.83 -23.49 -0.74
N THR B 58 17.91 -23.87 0.14
CA THR B 58 16.72 -23.08 0.38
C THR B 58 16.51 -22.82 1.87
N ARG B 59 15.84 -21.71 2.20
CA ARG B 59 15.41 -21.44 3.58
C ARG B 59 13.99 -20.88 3.54
N TYR B 60 13.24 -21.07 4.63
CA TYR B 60 11.83 -20.65 4.67
C TYR B 60 11.50 -19.95 5.96
N ALA B 61 10.53 -19.05 5.90
CA ALA B 61 9.94 -18.50 7.12
C ALA B 61 9.15 -19.58 7.84
N ASP B 62 9.23 -19.59 9.18
CA ASP B 62 8.53 -20.59 10.00
C ASP B 62 7.05 -20.69 9.66
N SER B 63 6.44 -19.55 9.35
CA SER B 63 4.99 -19.49 9.16
C SER B 63 4.53 -20.12 7.85
N VAL B 64 5.46 -20.39 6.93
CA VAL B 64 5.07 -21.00 5.65
C VAL B 64 5.69 -22.37 5.40
N LYS B 65 6.59 -22.78 6.29
N LYS B 65 6.60 -22.79 6.28
CA LYS B 65 7.28 -24.07 6.15
CA LYS B 65 7.32 -24.04 6.07
C LYS B 65 6.30 -25.22 5.95
C LYS B 65 6.36 -25.23 5.98
N GLY B 66 6.57 -26.06 4.97
CA GLY B 66 5.70 -27.19 4.70
C GLY B 66 4.56 -26.85 3.74
N ARG B 67 4.13 -25.59 3.78
CA ARG B 67 2.99 -25.17 2.96
C ARG B 67 3.43 -24.54 1.66
N PHE B 68 4.58 -23.86 1.70
CA PHE B 68 5.16 -23.23 0.52
C PHE B 68 6.49 -23.89 0.11
N THR B 69 6.77 -23.94 -1.18
CA THR B 69 8.11 -24.32 -1.62
C THR B 69 8.64 -23.36 -2.66
N ILE B 70 9.93 -23.06 -2.56
CA ILE B 70 10.62 -22.23 -3.53
C ILE B 70 11.50 -23.11 -4.41
N SER B 71 11.63 -22.72 -5.66
CA SER B 71 12.46 -23.48 -6.60
C SER B 71 12.92 -22.54 -7.70
N ALA B 72 13.83 -23.02 -8.53
CA ALA B 72 14.34 -22.20 -9.63
C ALA B 72 14.66 -23.08 -10.81
N ASP B 73 14.43 -22.53 -12.01
CA ASP B 73 14.80 -23.19 -13.24
C ASP B 73 15.82 -22.28 -13.89
N THR B 74 17.09 -22.62 -13.79
CA THR B 74 18.12 -21.72 -14.29
C THR B 74 18.07 -21.61 -15.81
N SER B 75 17.66 -22.68 -16.49
CA SER B 75 17.56 -22.66 -17.95
C SER B 75 16.51 -21.65 -18.44
N LYS B 76 15.55 -21.33 -17.58
CA LYS B 76 14.53 -20.32 -17.91
C LYS B 76 14.74 -19.04 -17.12
N ASN B 77 15.79 -19.01 -16.31
CA ASN B 77 16.12 -17.85 -15.46
C ASN B 77 14.90 -17.40 -14.66
N THR B 78 14.20 -18.36 -14.09
CA THR B 78 12.94 -18.11 -13.42
C THR B 78 12.90 -18.82 -12.08
N ALA B 79 12.32 -18.16 -11.07
CA ALA B 79 12.10 -18.79 -9.78
C ALA B 79 10.60 -18.92 -9.56
N TYR B 80 10.22 -19.78 -8.61
CA TYR B 80 8.83 -20.13 -8.42
C TYR B 80 8.51 -20.20 -6.95
N LEU B 81 7.25 -19.97 -6.62
CA LEU B 81 6.77 -20.21 -5.26
C LEU B 81 5.47 -20.99 -5.33
N GLN B 82 5.52 -22.25 -4.89
CA GLN B 82 4.31 -23.06 -4.78
C GLN B 82 3.68 -22.74 -3.43
N MET B 83 2.37 -22.46 -3.44
N MET B 83 2.39 -22.44 -3.43
CA MET B 83 1.67 -22.03 -2.24
CA MET B 83 1.70 -22.07 -2.21
C MET B 83 0.49 -22.97 -2.00
C MET B 83 0.50 -22.98 -2.00
N ASN B 84 0.58 -23.84 -0.99
CA ASN B 84 -0.49 -24.76 -0.67
C ASN B 84 -1.11 -24.45 0.69
N SER B 85 -2.24 -25.09 0.99
CA SER B 85 -2.92 -24.94 2.27
C SER B 85 -3.05 -23.46 2.66
N LEU B 86 -3.51 -22.64 1.72
CA LEU B 86 -3.50 -21.19 1.91
C LEU B 86 -4.49 -20.74 2.97
N ARG B 87 -4.10 -19.68 3.68
CA ARG B 87 -4.92 -19.11 4.75
CA ARG B 87 -4.96 -19.12 4.72
C ARG B 87 -5.13 -17.62 4.54
N ALA B 88 -6.12 -17.06 5.21
CA ALA B 88 -6.41 -15.63 5.11
C ALA B 88 -5.15 -14.79 5.36
N GLU B 89 -4.31 -15.24 6.30
CA GLU B 89 -3.08 -14.53 6.66
C GLU B 89 -2.05 -14.49 5.53
N ASP B 90 -2.25 -15.31 4.49
CA ASP B 90 -1.32 -15.33 3.37
C ASP B 90 -1.69 -14.28 2.31
N THR B 91 -2.82 -13.62 2.52
CA THR B 91 -3.25 -12.55 1.62
C THR B 91 -2.22 -11.42 1.67
N ALA B 92 -1.62 -11.10 0.53
CA ALA B 92 -0.49 -10.17 0.52
C ALA B 92 -0.01 -9.91 -0.89
N ILE B 93 0.76 -8.84 -1.06
CA ILE B 93 1.54 -8.66 -2.28
C ILE B 93 2.78 -9.51 -2.14
N TYR B 94 3.05 -10.34 -3.16
CA TYR B 94 4.27 -11.15 -3.15
C TYR B 94 5.26 -10.56 -4.13
N TYR B 95 6.45 -10.19 -3.64
CA TYR B 95 7.55 -9.71 -4.47
C TYR B 95 8.65 -10.75 -4.58
N CYS B 96 9.33 -10.81 -5.72
CA CYS B 96 10.61 -11.52 -5.68
C CYS B 96 11.71 -10.47 -5.75
N SER B 97 12.85 -10.77 -5.16
CA SER B 97 13.98 -9.86 -5.18
C SER B 97 15.25 -10.66 -5.32
N ARG B 98 16.34 -9.98 -5.67
CA ARG B 98 17.64 -10.64 -5.68
C ARG B 98 18.53 -10.07 -4.58
N TRP B 99 19.53 -10.84 -4.19
CA TRP B 99 20.43 -10.48 -3.09
C TRP B 99 21.82 -10.97 -3.43
N GLY B 100 22.83 -10.12 -3.23
CA GLY B 100 24.18 -10.50 -3.56
C GLY B 100 24.52 -10.19 -5.00
N GLY B 101 23.60 -9.49 -5.68
CA GLY B 101 23.80 -9.10 -7.06
C GLY B 101 24.85 -8.01 -7.18
N ASP B 102 25.82 -8.24 -8.06
CA ASP B 102 26.95 -7.33 -8.25
C ASP B 102 27.73 -7.12 -6.95
N GLY B 103 27.59 -8.06 -6.02
CA GLY B 103 28.33 -8.02 -4.77
C GLY B 103 27.67 -7.14 -3.72
N PHE B 104 26.46 -6.66 -4.01
CA PHE B 104 25.72 -5.83 -3.07
C PHE B 104 24.91 -6.69 -2.11
N TYR B 105 25.20 -6.58 -0.83
CA TYR B 105 24.55 -7.41 0.18
C TYR B 105 23.28 -6.78 0.69
N ALA B 106 22.33 -6.65 -0.23
CA ALA B 106 20.99 -6.17 0.08
C ALA B 106 20.08 -6.55 -1.06
N MET B 107 18.78 -6.41 -0.87
CA MET B 107 17.83 -6.71 -1.95
C MET B 107 17.73 -5.49 -2.85
N ASP B 108 18.47 -5.47 -3.95
CA ASP B 108 18.65 -4.23 -4.72
C ASP B 108 17.72 -4.08 -5.91
N TYR B 109 17.04 -5.16 -6.28
CA TYR B 109 16.01 -5.11 -7.31
C TYR B 109 14.83 -5.93 -6.81
N TRP B 110 13.64 -5.33 -6.87
CA TRP B 110 12.39 -6.01 -6.50
C TRP B 110 11.46 -5.89 -7.68
N GLY B 111 10.64 -6.92 -7.90
CA GLY B 111 9.64 -6.85 -8.95
C GLY B 111 8.48 -5.93 -8.60
N GLN B 112 7.53 -5.81 -9.52
CA GLN B 112 6.36 -4.98 -9.31
C GLN B 112 5.47 -5.60 -8.25
N GLY B 113 5.60 -6.92 -8.07
CA GLY B 113 4.81 -7.62 -7.09
C GLY B 113 3.53 -8.20 -7.69
N THR B 114 2.97 -9.21 -7.02
CA THR B 114 1.70 -9.79 -7.48
C THR B 114 0.82 -10.05 -6.26
N LEU B 115 -0.44 -9.64 -6.35
CA LEU B 115 -1.34 -9.79 -5.21
C LEU B 115 -1.99 -11.16 -5.13
N VAL B 116 -1.89 -11.80 -3.96
CA VAL B 116 -2.61 -13.05 -3.68
C VAL B 116 -3.73 -12.75 -2.70
N THR B 117 -4.95 -13.10 -3.07
CA THR B 117 -6.10 -12.87 -2.22
C THR B 117 -6.70 -14.20 -1.81
N VAL B 118 -6.59 -14.55 -0.53
CA VAL B 118 -7.16 -15.80 -0.06
C VAL B 118 -8.53 -15.53 0.55
N SER B 119 -9.58 -16.01 -0.11
CA SER B 119 -10.95 -15.66 0.27
C SER B 119 -11.91 -16.63 -0.37
N SER B 120 -13.04 -16.86 0.29
N SER B 120 -13.05 -16.87 0.28
CA SER B 120 -14.08 -17.75 -0.24
CA SER B 120 -14.06 -17.76 -0.27
C SER B 120 -15.06 -16.99 -1.12
C SER B 120 -15.07 -16.99 -1.10
N ALA B 121 -14.92 -15.67 -1.16
CA ALA B 121 -15.83 -14.83 -1.94
C ALA B 121 -15.57 -15.00 -3.44
N SER B 122 -16.58 -14.74 -4.26
CA SER B 122 -16.51 -14.95 -5.69
C SER B 122 -16.04 -13.72 -6.46
N THR B 123 -15.45 -13.95 -7.63
CA THR B 123 -15.06 -12.87 -8.53
C THR B 123 -16.27 -12.08 -9.01
N LYS B 124 -16.14 -10.76 -9.03
CA LYS B 124 -17.23 -9.92 -9.55
C LYS B 124 -16.68 -8.73 -10.31
N GLY B 125 -17.16 -8.54 -11.53
CA GLY B 125 -16.70 -7.44 -12.35
C GLY B 125 -17.41 -6.16 -11.92
N PRO B 126 -16.74 -5.02 -12.08
CA PRO B 126 -17.31 -3.73 -11.65
C PRO B 126 -18.32 -3.17 -12.65
N SER B 127 -19.20 -2.29 -12.16
CA SER B 127 -19.97 -1.41 -13.03
C SER B 127 -19.23 -0.07 -13.10
N VAL B 128 -19.20 0.53 -14.28
CA VAL B 128 -18.46 1.78 -14.46
C VAL B 128 -19.46 2.87 -14.81
N PHE B 129 -19.55 3.87 -13.95
CA PHE B 129 -20.52 4.95 -14.17
C PHE B 129 -19.80 6.27 -14.35
N PRO B 130 -20.33 7.11 -15.24
CA PRO B 130 -19.69 8.41 -15.41
C PRO B 130 -19.94 9.33 -14.23
N LEU B 131 -18.95 10.18 -13.96
CA LEU B 131 -19.15 11.34 -13.10
C LEU B 131 -19.11 12.54 -14.06
N ALA B 132 -20.26 12.90 -14.61
CA ALA B 132 -20.31 13.90 -15.67
C ALA B 132 -19.95 15.27 -15.15
N PRO B 133 -19.19 16.04 -15.94
CA PRO B 133 -18.93 17.42 -15.53
C PRO B 133 -20.23 18.22 -15.61
N SER B 134 -20.38 19.20 -14.75
CA SER B 134 -21.62 19.98 -14.73
C SER B 134 -21.37 21.35 -14.11
N SER B 135 -22.44 22.15 -14.02
CA SER B 135 -22.33 23.42 -13.33
C SER B 135 -21.93 23.26 -11.87
N LYS B 136 -22.06 22.05 -11.32
CA LYS B 136 -21.72 21.76 -9.94
CA LYS B 136 -21.72 21.76 -9.94
C LYS B 136 -20.35 21.12 -9.79
N SER B 137 -19.59 20.98 -10.88
CA SER B 137 -18.24 20.45 -10.81
C SER B 137 -17.23 21.40 -11.45
N THR B 138 -17.55 22.69 -11.55
CA THR B 138 -16.63 23.64 -12.17
C THR B 138 -16.43 24.89 -11.30
N SER B 139 -15.22 25.41 -11.32
CA SER B 139 -14.92 26.71 -10.73
C SER B 139 -13.60 27.23 -11.31
N GLY B 140 -13.47 28.55 -11.37
CA GLY B 140 -12.24 29.17 -11.80
C GLY B 140 -11.81 28.84 -13.23
N GLY B 141 -12.75 28.38 -14.05
CA GLY B 141 -12.49 28.07 -15.44
C GLY B 141 -12.01 26.65 -15.66
N THR B 142 -11.99 25.84 -14.61
CA THR B 142 -11.64 24.44 -14.80
C THR B 142 -12.80 23.56 -14.30
N ALA B 143 -12.85 22.33 -14.79
CA ALA B 143 -13.97 21.44 -14.46
C ALA B 143 -13.46 20.07 -14.09
N ALA B 144 -14.18 19.41 -13.19
CA ALA B 144 -13.87 18.05 -12.81
C ALA B 144 -14.87 17.06 -13.40
N LEU B 145 -14.37 15.90 -13.80
CA LEU B 145 -15.22 14.82 -14.28
C LEU B 145 -14.56 13.54 -13.85
N GLY B 146 -15.24 12.42 -13.97
CA GLY B 146 -14.62 11.19 -13.51
C GLY B 146 -15.38 9.95 -13.84
N CYS B 147 -14.91 8.82 -13.28
CA CYS B 147 -15.59 7.55 -13.40
C CYS B 147 -15.70 6.87 -12.05
N LEU B 148 -16.87 6.31 -11.78
CA LEU B 148 -17.09 5.56 -10.55
C LEU B 148 -17.04 4.10 -10.91
N VAL B 149 -16.09 3.37 -10.33
CA VAL B 149 -15.90 1.94 -10.59
C VAL B 149 -16.41 1.18 -9.38
N LYS B 150 -17.64 0.69 -9.46
N LYS B 150 -17.63 0.65 -9.47
CA LYS B 150 -18.33 0.19 -8.27
CA LYS B 150 -18.33 0.18 -8.29
C LYS B 150 -18.55 -1.32 -8.27
C LYS B 150 -18.56 -1.32 -8.28
N ASP B 151 -18.42 -1.92 -7.09
CA ASP B 151 -18.79 -3.30 -6.83
C ASP B 151 -17.94 -4.36 -7.56
N TYR B 152 -16.66 -4.42 -7.22
CA TYR B 152 -15.80 -5.45 -7.79
C TYR B 152 -15.06 -6.26 -6.72
N PHE B 153 -14.66 -7.48 -7.09
CA PHE B 153 -13.86 -8.32 -6.21
C PHE B 153 -13.17 -9.35 -7.09
N PRO B 154 -11.91 -9.70 -6.77
CA PRO B 154 -11.02 -9.09 -5.79
C PRO B 154 -10.35 -7.87 -6.38
N GLU B 155 -9.44 -7.26 -5.64
N GLU B 155 -9.43 -7.27 -5.65
CA GLU B 155 -8.51 -6.29 -6.21
CA GLU B 155 -8.55 -6.28 -6.23
C GLU B 155 -7.63 -7.06 -7.20
C GLU B 155 -7.61 -7.03 -7.19
N PRO B 156 -6.98 -6.34 -8.15
CA PRO B 156 -7.01 -4.90 -8.41
C PRO B 156 -7.86 -4.47 -9.60
N VAL B 157 -8.16 -3.18 -9.65
CA VAL B 157 -8.62 -2.57 -10.90
C VAL B 157 -7.61 -1.49 -11.26
N THR B 158 -7.45 -1.25 -12.55
CA THR B 158 -6.60 -0.16 -12.99
C THR B 158 -7.47 0.84 -13.73
N VAL B 159 -7.12 2.11 -13.61
CA VAL B 159 -7.85 3.16 -14.33
C VAL B 159 -6.84 4.08 -15.01
N SER B 160 -7.04 4.34 -16.29
CA SER B 160 -6.28 5.40 -16.96
C SER B 160 -7.25 6.33 -17.66
N TRP B 161 -6.73 7.43 -18.18
CA TRP B 161 -7.55 8.39 -18.93
C TRP B 161 -6.98 8.58 -20.32
N ASN B 162 -7.85 8.51 -21.33
CA ASN B 162 -7.44 8.66 -22.72
C ASN B 162 -6.25 7.77 -23.06
N SER B 163 -6.36 6.51 -22.68
CA SER B 163 -5.36 5.48 -22.99
C SER B 163 -3.99 5.84 -22.43
N GLY B 164 -3.99 6.60 -21.34
CA GLY B 164 -2.75 6.98 -20.67
C GLY B 164 -2.16 8.30 -21.11
N ALA B 165 -2.75 8.92 -22.12
CA ALA B 165 -2.24 10.19 -22.63
C ALA B 165 -2.58 11.34 -21.69
N LEU B 166 -3.61 11.15 -20.86
CA LEU B 166 -4.05 12.18 -19.93
C LEU B 166 -3.66 11.77 -18.52
N THR B 167 -2.72 12.49 -17.92
CA THR B 167 -2.23 12.12 -16.59
C THR B 167 -2.27 13.32 -15.65
N SER B 168 -2.07 14.51 -16.20
N SER B 168 -2.07 14.52 -16.20
CA SER B 168 -2.12 15.74 -15.42
CA SER B 168 -2.09 15.73 -15.40
C SER B 168 -3.51 15.97 -14.84
C SER B 168 -3.49 16.01 -14.85
N GLY B 169 -3.57 16.34 -13.57
CA GLY B 169 -4.83 16.63 -12.92
C GLY B 169 -5.67 15.42 -12.55
N VAL B 170 -5.13 14.22 -12.72
CA VAL B 170 -5.86 13.00 -12.40
C VAL B 170 -5.68 12.63 -10.93
N HIS B 171 -6.79 12.32 -10.26
CA HIS B 171 -6.74 11.68 -8.93
C HIS B 171 -7.57 10.41 -8.94
N THR B 172 -6.89 9.27 -8.83
CA THR B 172 -7.56 8.00 -8.70
C THR B 172 -7.50 7.60 -7.23
N PHE B 173 -8.67 7.54 -6.60
CA PHE B 173 -8.77 7.39 -5.15
C PHE B 173 -8.49 5.97 -4.72
N PRO B 174 -7.91 5.81 -3.52
CA PRO B 174 -7.74 4.44 -2.98
C PRO B 174 -9.05 3.68 -2.96
N ALA B 175 -8.99 2.38 -3.23
CA ALA B 175 -10.17 1.56 -3.20
C ALA B 175 -10.72 1.49 -1.79
N VAL B 176 -12.04 1.46 -1.71
CA VAL B 176 -12.74 1.33 -0.45
C VAL B 176 -13.53 0.03 -0.42
N LEU B 177 -13.39 -0.70 0.68
CA LEU B 177 -14.15 -1.91 0.90
C LEU B 177 -15.53 -1.54 1.43
N GLN B 178 -16.58 -1.89 0.68
CA GLN B 178 -17.94 -1.60 1.10
C GLN B 178 -18.47 -2.67 2.05
N SER B 179 -19.55 -2.37 2.78
CA SER B 179 -20.13 -3.32 3.73
C SER B 179 -20.52 -4.63 3.05
N SER B 180 -20.78 -4.54 1.75
CA SER B 180 -21.16 -5.69 0.95
C SER B 180 -20.00 -6.67 0.75
N GLY B 181 -18.78 -6.22 1.02
CA GLY B 181 -17.62 -7.07 0.77
C GLY B 181 -17.03 -6.85 -0.62
N LEU B 182 -17.63 -5.92 -1.37
CA LEU B 182 -17.13 -5.55 -2.69
C LEU B 182 -16.39 -4.22 -2.63
N TYR B 183 -15.44 -4.03 -3.53
CA TYR B 183 -14.67 -2.79 -3.59
C TYR B 183 -15.31 -1.77 -4.50
N SER B 184 -14.98 -0.50 -4.24
N SER B 184 -14.98 -0.50 -4.24
CA SER B 184 -15.37 0.57 -5.13
CA SER B 184 -15.37 0.57 -5.14
C SER B 184 -14.31 1.68 -5.10
C SER B 184 -14.30 1.66 -5.11
N LEU B 185 -14.17 2.39 -6.21
CA LEU B 185 -13.29 3.54 -6.25
C LEU B 185 -13.76 4.49 -7.31
N SER B 186 -13.36 5.75 -7.18
CA SER B 186 -13.58 6.72 -8.24
C SER B 186 -12.24 7.25 -8.72
N SER B 187 -12.21 7.65 -9.97
CA SER B 187 -11.08 8.37 -10.55
C SER B 187 -11.62 9.66 -11.14
N VAL B 188 -10.99 10.80 -10.83
CA VAL B 188 -11.46 12.07 -11.37
C VAL B 188 -10.30 12.80 -12.06
N VAL B 189 -10.65 13.72 -12.93
CA VAL B 189 -9.63 14.53 -13.58
C VAL B 189 -10.16 15.94 -13.73
N THR B 190 -9.29 16.92 -13.52
N THR B 190 -9.28 16.92 -13.52
CA THR B 190 -9.66 18.32 -13.69
CA THR B 190 -9.57 18.33 -13.73
C THR B 190 -9.09 18.85 -14.99
C THR B 190 -9.08 18.77 -15.08
N VAL B 191 -9.94 19.46 -15.82
CA VAL B 191 -9.60 19.90 -17.17
C VAL B 191 -10.08 21.33 -17.40
N PRO B 192 -9.62 21.98 -18.48
CA PRO B 192 -10.21 23.30 -18.75
C PRO B 192 -11.69 23.24 -19.08
N SER B 193 -12.49 24.13 -18.50
CA SER B 193 -13.92 24.19 -18.80
C SER B 193 -14.17 24.30 -20.30
N SER B 194 -13.29 25.03 -20.99
CA SER B 194 -13.46 25.29 -22.42
C SER B 194 -13.24 24.06 -23.29
N SER B 195 -12.63 23.02 -22.71
N SER B 195 -12.64 23.01 -22.71
CA SER B 195 -12.34 21.80 -23.47
CA SER B 195 -12.35 21.80 -23.47
C SER B 195 -13.52 20.83 -23.48
C SER B 195 -13.48 20.78 -23.42
N LEU B 196 -14.50 21.07 -22.62
CA LEU B 196 -15.65 20.16 -22.53
C LEU B 196 -16.47 20.26 -23.81
N GLY B 197 -16.67 19.13 -24.48
CA GLY B 197 -17.42 19.15 -25.73
C GLY B 197 -16.52 19.06 -26.94
N THR B 198 -15.28 19.50 -26.80
CA THR B 198 -14.35 19.44 -27.92
C THR B 198 -13.28 18.37 -27.71
N GLN B 199 -12.84 18.20 -26.47
CA GLN B 199 -11.87 17.16 -26.17
C GLN B 199 -12.57 15.93 -25.63
N THR B 200 -12.27 14.76 -26.20
CA THR B 200 -12.86 13.52 -25.71
C THR B 200 -12.14 13.10 -24.43
N TYR B 201 -12.92 12.72 -23.42
CA TYR B 201 -12.41 12.20 -22.16
C TYR B 201 -12.97 10.80 -21.92
N ILE B 202 -12.08 9.81 -21.90
CA ILE B 202 -12.47 8.41 -21.71
C ILE B 202 -11.68 7.80 -20.55
N CYS B 203 -12.37 7.19 -19.59
CA CYS B 203 -11.66 6.41 -18.56
C CYS B 203 -11.54 4.97 -19.00
N ASN B 204 -10.32 4.46 -18.96
CA ASN B 204 -10.06 3.09 -19.35
C ASN B 204 -9.94 2.25 -18.11
N VAL B 205 -10.93 1.38 -17.90
CA VAL B 205 -11.02 0.60 -16.66
C VAL B 205 -10.75 -0.86 -16.95
N ASN B 206 -9.83 -1.45 -16.19
N ASN B 206 -9.83 -1.48 -16.19
CA ASN B 206 -9.56 -2.87 -16.29
CA ASN B 206 -9.57 -2.90 -16.39
C ASN B 206 -9.77 -3.56 -14.96
C ASN B 206 -9.58 -3.68 -15.07
N HIS B 207 -10.39 -4.73 -15.02
CA HIS B 207 -10.47 -5.61 -13.87
C HIS B 207 -10.13 -7.00 -14.40
N LYS B 208 -8.85 -7.30 -14.44
CA LYS B 208 -8.40 -8.58 -14.98
C LYS B 208 -9.01 -9.85 -14.35
N PRO B 209 -9.24 -9.86 -13.01
CA PRO B 209 -9.83 -11.08 -12.43
C PRO B 209 -11.15 -11.51 -13.04
N SER B 210 -11.93 -10.54 -13.53
CA SER B 210 -13.23 -10.83 -14.14
C SER B 210 -13.20 -10.64 -15.66
N ASN B 211 -12.01 -10.40 -16.20
CA ASN B 211 -11.85 -10.07 -17.62
C ASN B 211 -12.73 -8.91 -18.08
N THR B 212 -12.90 -7.95 -17.18
CA THR B 212 -13.69 -6.76 -17.50
C THR B 212 -12.80 -5.65 -18.03
N LYS B 213 -13.06 -5.25 -19.26
CA LYS B 213 -12.38 -4.10 -19.86
C LYS B 213 -13.44 -3.12 -20.34
N VAL B 214 -13.45 -1.94 -19.74
CA VAL B 214 -14.43 -0.91 -20.09
C VAL B 214 -13.74 0.39 -20.45
N ASP B 215 -14.12 0.95 -21.59
CA ASP B 215 -13.71 2.31 -21.95
C ASP B 215 -14.94 3.21 -21.94
N LYS B 216 -15.07 4.04 -20.91
CA LYS B 216 -16.27 4.85 -20.72
C LYS B 216 -16.04 6.31 -21.11
N LYS B 217 -16.77 6.77 -22.12
N LYS B 217 -16.77 6.77 -22.12
CA LYS B 217 -16.71 8.16 -22.53
CA LYS B 217 -16.71 8.16 -22.53
C LYS B 217 -17.54 9.00 -21.58
C LYS B 217 -17.55 9.03 -21.59
N VAL B 218 -16.92 10.02 -20.98
CA VAL B 218 -17.60 10.89 -20.03
C VAL B 218 -17.87 12.26 -20.65
N GLU B 219 -19.14 12.64 -20.71
CA GLU B 219 -19.51 13.93 -21.28
C GLU B 219 -20.54 14.67 -20.41
N PRO B 220 -20.72 15.99 -20.64
CA PRO B 220 -21.74 16.76 -19.93
C PRO B 220 -23.14 16.17 -20.16
N LYS B 221 -24.04 16.31 -19.19
CA LYS B 221 -25.39 15.76 -19.31
C LYS B 221 -26.24 16.54 -20.31
N SER B 222 -27.36 15.95 -20.72
CA SER B 222 -28.23 16.52 -21.75
C SER B 222 -29.04 17.73 -21.29
N CYS B 223 -29.93 17.52 -20.33
CA CYS B 223 -30.92 18.52 -19.89
C CYS B 223 -31.86 18.90 -21.02
N SER C 1 -3.27 -0.38 26.44
CA SER C 1 -3.82 -0.20 25.10
C SER C 1 -2.81 0.49 24.20
N GLU C 2 -3.28 0.95 23.04
CA GLU C 2 -2.40 1.63 22.08
C GLU C 2 -2.64 3.13 22.08
N VAL C 3 -1.59 3.90 22.30
CA VAL C 3 -1.72 5.35 22.27
C VAL C 3 -0.79 5.96 21.23
N THR C 4 -1.08 7.21 20.87
CA THR C 4 -0.23 7.98 20.00
C THR C 4 0.30 9.17 20.74
N ILE C 5 1.62 9.28 20.86
CA ILE C 5 2.20 10.49 21.40
C ILE C 5 2.59 11.41 20.24
N LYS C 6 2.01 12.60 20.23
CA LYS C 6 2.28 13.58 19.19
C LYS C 6 3.33 14.56 19.66
N VAL C 7 4.35 14.78 18.84
CA VAL C 7 5.47 15.60 19.22
C VAL C 7 5.72 16.73 18.23
N ASN C 8 5.87 17.94 18.76
CA ASN C 8 6.42 19.07 18.02
C ASN C 8 7.92 19.14 18.22
N LEU C 9 8.67 19.13 17.13
CA LEU C 9 10.13 19.24 17.19
C LEU C 9 10.51 20.64 16.79
N ILE C 10 10.99 21.42 17.74
CA ILE C 10 11.21 22.84 17.55
C ILE C 10 12.68 23.14 17.57
N PHE C 11 13.23 23.47 16.41
CA PHE C 11 14.67 23.64 16.30
C PHE C 11 15.06 25.08 16.56
N ALA C 12 16.32 25.30 16.89
CA ALA C 12 16.79 26.61 17.30
C ALA C 12 16.57 27.68 16.23
N ASP C 13 16.59 27.28 14.96
CA ASP C 13 16.46 28.24 13.87
C ASP C 13 14.99 28.55 13.54
N GLY C 14 14.08 28.02 14.35
CA GLY C 14 12.68 28.31 14.18
C GLY C 14 11.90 27.25 13.41
N LYS C 15 12.64 26.34 12.77
CA LYS C 15 11.98 25.31 11.97
C LYS C 15 11.25 24.33 12.87
N ILE C 16 10.12 23.82 12.40
CA ILE C 16 9.31 22.91 13.20
C ILE C 16 8.96 21.66 12.40
N GLN C 17 9.19 20.50 12.99
CA GLN C 17 8.74 19.25 12.38
C GLN C 17 7.76 18.63 13.36
N THR C 18 6.95 17.69 12.90
CA THR C 18 6.07 16.98 13.81
C THR C 18 6.27 15.49 13.63
N ALA C 19 6.04 14.74 14.70
CA ALA C 19 6.29 13.32 14.68
C ALA C 19 5.26 12.61 15.55
N GLU C 20 5.06 11.32 15.29
CA GLU C 20 4.19 10.54 16.14
C GLU C 20 4.89 9.26 16.55
N PHE C 21 4.68 8.87 17.81
CA PHE C 21 5.20 7.62 18.34
C PHE C 21 4.01 6.81 18.80
N LYS C 22 3.95 5.54 18.44
CA LYS C 22 2.82 4.73 18.86
C LYS C 22 3.29 3.47 19.60
N GLY C 23 2.44 2.97 20.49
CA GLY C 23 2.74 1.81 21.32
C GLY C 23 1.91 1.93 22.58
N THR C 24 2.23 1.16 23.61
CA THR C 24 1.71 1.47 24.94
C THR C 24 2.21 2.85 25.32
N PHE C 25 1.53 3.49 26.25
CA PHE C 25 1.95 4.82 26.68
C PHE C 25 3.42 4.82 27.11
N GLU C 26 3.83 3.77 27.81
CA GLU C 26 5.19 3.68 28.34
C GLU C 26 6.20 3.44 27.23
N GLU C 27 5.84 2.61 26.24
CA GLU C 27 6.75 2.37 25.11
C GLU C 27 6.91 3.65 24.29
N ALA C 28 5.79 4.28 23.94
CA ALA C 28 5.79 5.47 23.10
C ALA C 28 6.57 6.59 23.78
N THR C 29 6.40 6.70 25.09
CA THR C 29 7.14 7.68 25.90
C THR C 29 8.64 7.45 25.83
N ALA C 30 9.06 6.23 26.12
CA ALA C 30 10.48 5.87 26.03
C ALA C 30 11.05 6.17 24.65
N GLU C 31 10.29 5.87 23.59
CA GLU C 31 10.80 6.11 22.23
C GLU C 31 10.91 7.60 21.92
N ALA C 32 9.98 8.40 22.41
CA ALA C 32 10.02 9.84 22.16
C ALA C 32 11.24 10.47 22.80
N TYR C 33 11.48 10.16 24.07
CA TYR C 33 12.67 10.70 24.75
C TYR C 33 13.97 10.20 24.11
N ARG C 34 13.97 8.96 23.66
N ARG C 34 13.98 8.97 23.64
CA ARG C 34 15.14 8.39 22.99
CA ARG C 34 15.16 8.42 23.00
C ARG C 34 15.44 9.15 21.70
C ARG C 34 15.44 9.14 21.68
N TYR C 35 14.38 9.47 20.96
CA TYR C 35 14.50 10.17 19.69
C TYR C 35 15.00 11.61 19.93
N ALA C 36 14.48 12.23 20.98
CA ALA C 36 14.92 13.56 21.37
C ALA C 36 16.41 13.57 21.67
N ALA C 37 16.87 12.59 22.45
CA ALA C 37 18.27 12.50 22.82
C ALA C 37 19.15 12.34 21.57
N LEU C 38 18.67 11.56 20.61
CA LEU C 38 19.45 11.35 19.40
C LEU C 38 19.55 12.64 18.59
N LEU C 39 18.43 13.34 18.43
CA LEU C 39 18.43 14.60 17.70
C LEU C 39 19.27 15.64 18.43
N ALA C 40 19.30 15.56 19.76
CA ALA C 40 20.08 16.50 20.56
C ALA C 40 21.57 16.49 20.22
N LYS C 41 22.08 15.32 19.80
CA LYS C 41 23.49 15.19 19.45
C LYS C 41 23.90 16.18 18.36
N VAL C 42 22.99 16.43 17.43
CA VAL C 42 23.26 17.27 16.27
C VAL C 42 22.67 18.67 16.46
N ASN C 43 21.53 18.73 17.14
CA ASN C 43 20.74 19.95 17.17
C ASN C 43 20.78 20.73 18.50
N GLY C 44 21.62 20.27 19.42
CA GLY C 44 21.76 20.93 20.70
C GLY C 44 20.86 20.35 21.77
N GLU C 45 21.16 20.68 23.02
CA GLU C 45 20.42 20.20 24.18
C GLU C 45 18.92 20.38 24.04
N TYR C 46 18.16 19.34 24.40
CA TYR C 46 16.71 19.41 24.25
C TYR C 46 15.97 19.69 25.57
N THR C 47 14.78 20.27 25.45
N THR C 47 14.78 20.26 25.44
CA THR C 47 13.86 20.39 26.58
CA THR C 47 13.86 20.41 26.56
C THR C 47 12.48 19.90 26.13
C THR C 47 12.50 19.88 26.11
N ALA C 48 11.89 19.02 26.93
CA ALA C 48 10.60 18.43 26.56
C ALA C 48 9.51 18.87 27.52
N ASP C 49 8.52 19.57 27.00
CA ASP C 49 7.37 19.98 27.80
C ASP C 49 6.20 19.08 27.46
N LEU C 50 5.57 18.50 28.47
CA LEU C 50 4.48 17.57 28.22
C LEU C 50 3.12 18.21 28.49
N GLU C 51 2.16 17.93 27.60
CA GLU C 51 0.79 18.33 27.81
C GLU C 51 -0.12 17.14 27.56
N ASP C 52 -1.41 17.29 27.86
CA ASP C 52 -2.40 16.24 27.62
C ASP C 52 -1.97 14.93 28.29
N GLY C 53 -1.65 15.02 29.58
CA GLY C 53 -1.25 13.86 30.37
C GLY C 53 0.00 13.16 29.87
N GLY C 54 0.80 13.86 29.07
CA GLY C 54 2.01 13.29 28.53
C GLY C 54 1.82 12.70 27.14
N ASN C 55 0.63 12.89 26.57
CA ASN C 55 0.33 12.39 25.23
C ASN C 55 0.74 13.36 24.13
N HIS C 56 1.09 14.58 24.53
CA HIS C 56 1.68 15.53 23.60
C HIS C 56 2.95 16.11 24.18
N MET C 57 3.96 16.30 23.32
CA MET C 57 5.22 16.86 23.75
C MET C 57 5.65 17.99 22.84
N ASN C 58 6.15 19.06 23.44
CA ASN C 58 6.87 20.08 22.69
C ASN C 58 8.35 19.94 23.01
N ILE C 59 9.13 19.54 22.02
CA ILE C 59 10.55 19.31 22.25
C ILE C 59 11.38 20.34 21.50
N LYS C 60 12.04 21.19 22.27
CA LYS C 60 12.83 22.29 21.74
C LYS C 60 14.32 21.96 21.85
N PHE C 61 15.07 22.31 20.80
CA PHE C 61 16.51 22.06 20.76
C PHE C 61 17.28 23.37 20.84
N ALA C 62 18.37 23.36 21.59
CA ALA C 62 19.07 24.60 21.93
C ALA C 62 19.92 25.16 20.79
N GLY C 63 20.25 24.31 19.82
CA GLY C 63 21.08 24.72 18.71
C GLY C 63 22.54 24.37 18.93
N GLY D 1 12.63 -35.89 -12.77
CA GLY D 1 13.81 -36.48 -12.18
C GLY D 1 13.49 -37.73 -11.37
N SER D 2 14.53 -38.38 -10.86
CA SER D 2 14.37 -39.61 -10.09
C SER D 2 14.22 -39.32 -8.61
N TYR D 3 13.82 -40.34 -7.85
CA TYR D 3 13.60 -40.17 -6.42
C TYR D 3 14.14 -41.36 -5.62
N ASN D 4 14.54 -41.10 -4.38
CA ASN D 4 14.94 -42.19 -3.50
C ASN D 4 13.69 -42.79 -2.87
N LYS D 5 13.85 -43.85 -2.08
CA LYS D 5 12.68 -44.55 -1.56
C LYS D 5 11.87 -43.70 -0.59
N ASP D 6 12.54 -42.84 0.16
CA ASP D 6 11.84 -41.97 1.10
C ASP D 6 11.01 -40.95 0.35
N GLN D 7 11.58 -40.41 -0.72
CA GLN D 7 10.89 -39.45 -1.57
C GLN D 7 9.66 -40.10 -2.20
N GLN D 8 9.84 -41.31 -2.75
N GLN D 8 9.83 -41.32 -2.74
CA GLN D 8 8.75 -42.07 -3.34
CA GLN D 8 8.73 -42.06 -3.35
C GLN D 8 7.64 -42.31 -2.33
C GLN D 8 7.62 -42.33 -2.33
N SER D 9 8.03 -42.57 -1.08
CA SER D 9 7.08 -42.86 -0.02
C SER D 9 6.19 -41.64 0.29
N ALA D 10 6.78 -40.45 0.27
CA ALA D 10 6.03 -39.23 0.54
C ALA D 10 5.01 -38.98 -0.57
N PHE D 11 5.43 -39.18 -1.83
N PHE D 11 5.43 -39.20 -1.81
CA PHE D 11 4.53 -39.08 -2.97
CA PHE D 11 4.53 -39.09 -2.95
C PHE D 11 3.33 -40.02 -2.81
C PHE D 11 3.33 -40.01 -2.78
N TYR D 12 3.61 -41.25 -2.43
CA TYR D 12 2.58 -42.27 -2.28
C TYR D 12 1.58 -41.88 -1.19
N GLU D 13 2.08 -41.39 -0.06
CA GLU D 13 1.17 -40.98 1.01
C GLU D 13 0.21 -39.88 0.54
N ILE D 14 0.75 -38.86 -0.14
CA ILE D 14 -0.10 -37.75 -0.60
C ILE D 14 -1.06 -38.20 -1.69
N LEU D 15 -0.57 -39.03 -2.61
CA LEU D 15 -1.41 -39.61 -3.64
C LEU D 15 -2.65 -40.29 -3.05
N ASN D 16 -2.47 -40.99 -1.94
CA ASN D 16 -3.57 -41.78 -1.36
C ASN D 16 -4.48 -41.06 -0.38
N MET D 17 -4.15 -39.81 -0.01
CA MET D 17 -4.95 -39.13 0.99
C MET D 17 -6.37 -38.91 0.49
N PRO D 18 -7.34 -39.40 1.26
CA PRO D 18 -8.73 -39.44 0.75
C PRO D 18 -9.48 -38.11 0.84
N ASN D 19 -9.01 -37.15 1.62
CA ASN D 19 -9.80 -35.94 1.81
C ASN D 19 -9.26 -34.71 1.12
N LEU D 20 -8.19 -34.87 0.35
CA LEU D 20 -7.70 -33.78 -0.46
C LEU D 20 -8.49 -33.71 -1.75
N ASN D 21 -8.73 -32.50 -2.27
CA ASN D 21 -9.26 -32.41 -3.62
C ASN D 21 -8.08 -32.50 -4.58
N GLU D 22 -8.35 -32.53 -5.89
CA GLU D 22 -7.23 -32.79 -6.80
C GLU D 22 -6.30 -31.59 -6.96
N ALA D 23 -6.81 -30.38 -6.78
CA ALA D 23 -5.96 -29.20 -6.82
C ALA D 23 -4.94 -29.26 -5.68
N GLN D 24 -5.42 -29.62 -4.50
CA GLN D 24 -4.55 -29.70 -3.32
C GLN D 24 -3.54 -30.83 -3.45
N ARG D 25 -4.03 -31.99 -3.85
CA ARG D 25 -3.17 -33.16 -4.00
C ARG D 25 -2.01 -32.86 -4.94
N ASN D 26 -2.31 -32.27 -6.09
CA ASN D 26 -1.25 -31.99 -7.04
C ASN D 26 -0.37 -30.81 -6.62
N GLY D 27 -0.92 -29.89 -5.85
CA GLY D 27 -0.13 -28.78 -5.32
C GLY D 27 0.94 -29.31 -4.37
N PHE D 28 0.55 -30.25 -3.52
CA PHE D 28 1.50 -30.81 -2.58
C PHE D 28 2.52 -31.70 -3.28
N ILE D 29 2.06 -32.49 -4.25
CA ILE D 29 2.98 -33.29 -5.04
C ILE D 29 3.97 -32.36 -5.75
N GLN D 30 3.48 -31.24 -6.26
CA GLN D 30 4.38 -30.30 -6.92
C GLN D 30 5.43 -29.78 -5.93
N SER D 31 5.02 -29.55 -4.67
CA SER D 31 5.98 -29.08 -3.67
C SER D 31 7.05 -30.12 -3.38
N LEU D 32 6.67 -31.40 -3.36
CA LEU D 32 7.65 -32.46 -3.16
C LEU D 32 8.70 -32.45 -4.27
N LYS D 33 8.25 -32.18 -5.49
CA LYS D 33 9.15 -32.09 -6.64
C LYS D 33 10.03 -30.84 -6.55
N ASP D 34 9.42 -29.72 -6.14
CA ASP D 34 10.11 -28.44 -6.04
C ASP D 34 11.33 -28.48 -5.13
N ASP D 35 11.16 -29.05 -3.95
CA ASP D 35 12.18 -28.95 -2.89
C ASP D 35 12.21 -30.22 -2.03
N PRO D 36 13.03 -31.19 -2.44
CA PRO D 36 13.21 -32.45 -1.71
C PRO D 36 13.60 -32.25 -0.25
N SER D 37 14.33 -31.18 0.05
CA SER D 37 14.76 -30.94 1.43
C SER D 37 13.57 -30.70 2.36
N GLN D 38 12.41 -30.40 1.77
CA GLN D 38 11.23 -30.08 2.55
C GLN D 38 10.21 -31.22 2.62
N SER D 39 10.60 -32.40 2.13
CA SER D 39 9.68 -33.53 2.01
C SER D 39 8.91 -33.81 3.31
N THR D 40 9.63 -33.87 4.44
CA THR D 40 8.98 -34.16 5.72
C THR D 40 8.00 -33.05 6.12
N ASN D 41 8.40 -31.81 5.91
CA ASN D 41 7.53 -30.68 6.22
C ASN D 41 6.29 -30.65 5.33
N VAL D 42 6.49 -30.90 4.04
CA VAL D 42 5.37 -30.89 3.08
C VAL D 42 4.38 -32.00 3.40
N LEU D 43 4.90 -33.19 3.67
CA LEU D 43 4.06 -34.32 4.05
C LEU D 43 3.26 -33.99 5.31
N GLY D 44 3.91 -33.38 6.29
CA GLY D 44 3.24 -32.98 7.50
C GLY D 44 2.07 -32.04 7.28
N GLU D 45 2.24 -31.05 6.41
CA GLU D 45 1.18 -30.09 6.14
C GLU D 45 0.06 -30.73 5.30
N ALA D 46 0.42 -31.66 4.43
CA ALA D 46 -0.61 -32.37 3.67
C ALA D 46 -1.50 -33.17 4.62
N LYS D 47 -0.86 -33.84 5.57
CA LYS D 47 -1.60 -34.62 6.56
C LYS D 47 -2.56 -33.75 7.36
N LYS D 48 -2.11 -32.57 7.78
CA LYS D 48 -2.96 -31.66 8.55
C LYS D 48 -4.18 -31.23 7.76
N LEU D 49 -3.97 -30.94 6.48
CA LEU D 49 -5.05 -30.49 5.61
C LEU D 49 -6.01 -31.64 5.35
N ASN D 50 -5.46 -32.80 5.04
CA ASN D 50 -6.27 -34.01 4.89
C ASN D 50 -7.15 -34.29 6.12
N GLU D 51 -6.58 -34.14 7.31
CA GLU D 51 -7.32 -34.40 8.55
C GLU D 51 -8.44 -33.39 8.75
N SER D 52 -8.15 -32.12 8.46
CA SER D 52 -9.12 -31.05 8.69
C SER D 52 -10.31 -31.16 7.74
N GLN D 53 -10.11 -31.85 6.62
CA GLN D 53 -11.16 -32.00 5.61
C GLN D 53 -11.85 -33.35 5.69
N ALA D 54 -11.66 -34.04 6.81
CA ALA D 54 -12.32 -35.33 7.03
C ALA D 54 -13.83 -35.16 7.15
N CYS E 2 0.93 2.57 12.06
CA CYS E 2 0.26 2.83 10.80
C CYS E 2 0.11 1.51 10.06
N GLN E 3 -0.91 1.43 9.19
CA GLN E 3 -1.23 0.18 8.52
C GLN E 3 -1.05 0.27 7.01
N PHE E 4 -0.33 -0.71 6.44
CA PHE E 4 -0.15 -0.81 4.99
C PHE E 4 -1.48 -1.03 4.25
N ASP E 5 -1.66 -0.35 3.13
CA ASP E 5 -2.85 -0.51 2.29
C ASP E 5 -2.40 -0.98 0.92
N SER E 7 -3.99 -0.78 -1.84
CA SER E 7 -4.42 0.10 -2.94
C SER E 7 -3.38 1.17 -3.32
N THR E 8 -2.71 1.69 -2.30
CA THR E 8 -1.76 2.78 -2.46
C THR E 8 -0.32 2.29 -2.34
N ARG E 10 0.97 2.13 0.51
CA ARG E 10 1.47 3.09 1.48
C ARG E 10 0.93 2.78 2.87
N LEU E 11 1.70 3.15 3.87
CA LEU E 11 1.20 3.16 5.23
C LEU E 11 0.11 4.20 5.39
N ARG E 12 -0.94 3.85 6.11
CA ARG E 12 -1.97 4.81 6.45
CA ARG E 12 -1.97 4.81 6.45
C ARG E 12 -2.03 4.96 7.97
N CYS E 13 -1.82 6.18 8.45
CA CYS E 13 -1.79 6.42 9.89
C CYS E 13 -3.15 6.90 10.39
N GLY E 14 -3.44 6.62 11.66
CA GLY E 14 -4.75 6.91 12.21
C GLY E 14 -4.89 8.30 12.80
#